data_6CTZ
#
_entry.id   6CTZ
#
_cell.length_a   77.169
_cell.length_b   58.982
_cell.length_c   70.853
_cell.angle_alpha   90.000
_cell.angle_beta   90.000
_cell.angle_gamma   90.000
#
_symmetry.space_group_name_H-M   'P 21 21 2'
#
loop_
_entity.id
_entity.type
_entity.pdbx_description
1 polymer 'Gentamicin resistance protein'
2 non-polymer "GUANOSINE-5'-DIPHOSPHATE"
3 non-polymer 'MAGNESIUM ION'
4 non-polymer 'KANAMYCIN A'
5 non-polymer 'CHLORIDE ION'
6 water water
#
_entity_poly.entity_id   1
_entity_poly.type   'polypeptide(L)'
_entity_poly.pdbx_seq_one_letter_code
;KLHYTTMIMTQFPDISIQSVESLGEGFRNYAILVNGDWVFRFPKSQQGADELNKEIQLLPLLVGCVKVNIPQYVYIGKRS
DGNPFVGYRKVQGQILGEDGMAVLPDDAKDRLALQLAEFMNELSAFPVETAISAGVPVTNLKNKILLLSEAVEDQVFPLL
DESLRDYLTLRFQSYMTHPVYTRYTPRLIHGDLSPDHFLTNLNSRQTPLTGIIDFGDAAISDPDYDYVYLLEDCGELFTR
QVMAYRGEVDLDTLIRKVSLFVTFDQVSYLLEGLRARDQDWISEGIELLEEDKANNF
;
_entity_poly.pdbx_strand_id   A
#
# COMPACT_ATOMS: atom_id res chain seq x y z
N LYS A 1 25.24 0.55 -8.86
CA LYS A 1 25.19 -0.30 -10.04
C LYS A 1 26.04 -1.56 -9.82
N LEU A 2 27.35 -1.41 -9.99
CA LEU A 2 28.28 -2.52 -9.73
C LEU A 2 28.09 -3.10 -8.34
N HIS A 3 27.54 -2.32 -7.44
CA HIS A 3 27.30 -2.76 -6.08
C HIS A 3 26.21 -3.85 -6.05
N TYR A 4 25.10 -3.54 -6.66
CA TYR A 4 24.01 -4.50 -6.67
C TYR A 4 24.33 -5.69 -7.59
N THR A 5 24.97 -5.43 -8.73
CA THR A 5 25.27 -6.52 -9.66
C THR A 5 26.25 -7.51 -9.06
N THR A 6 27.21 -7.03 -8.28
CA THR A 6 28.17 -7.95 -7.66
C THR A 6 27.50 -8.86 -6.65
N MET A 7 26.59 -8.30 -5.82
CA MET A 7 25.86 -9.15 -4.88
C MET A 7 25.04 -10.19 -5.62
N ILE A 8 24.37 -9.79 -6.69
CA ILE A 8 23.52 -10.72 -7.43
C ILE A 8 24.35 -11.85 -8.03
N MET A 9 25.45 -11.49 -8.70
CA MET A 9 26.20 -12.52 -9.39
C MET A 9 26.98 -13.42 -8.44
N THR A 10 27.46 -12.88 -7.33
CA THR A 10 28.13 -13.70 -6.33
CA THR A 10 28.14 -13.72 -6.34
C THR A 10 27.19 -14.79 -5.80
N GLN A 11 25.95 -14.40 -5.48
CA GLN A 11 25.05 -15.30 -4.80
C GLN A 11 24.24 -16.19 -5.73
N PHE A 12 24.10 -15.84 -7.00
CA PHE A 12 23.24 -16.57 -7.93
C PHE A 12 24.02 -16.91 -9.19
N PRO A 13 24.71 -18.05 -9.20
CA PRO A 13 25.56 -18.39 -10.36
C PRO A 13 24.81 -18.57 -11.66
N ASP A 14 23.49 -18.72 -11.63
CA ASP A 14 22.73 -18.89 -12.87
C ASP A 14 22.32 -17.57 -13.50
N ILE A 15 22.70 -16.44 -12.92
CA ILE A 15 22.36 -15.13 -13.47
C ILE A 15 23.60 -14.51 -14.08
N SER A 16 23.59 -14.37 -15.41
CA SER A 16 24.62 -13.62 -16.13
C SER A 16 24.01 -12.30 -16.54
N ILE A 17 24.56 -11.21 -16.03
CA ILE A 17 23.93 -9.90 -16.17
C ILE A 17 24.41 -9.24 -17.46
N GLN A 18 23.47 -9.02 -18.38
CA GLN A 18 23.72 -8.32 -19.63
C GLN A 18 23.21 -6.89 -19.60
N SER A 19 22.21 -6.60 -18.77
CA SER A 19 21.69 -5.26 -18.67
C SER A 19 21.12 -5.08 -17.30
N VAL A 20 21.24 -3.87 -16.78
CA VAL A 20 20.70 -3.51 -15.48
C VAL A 20 20.20 -2.08 -15.54
N GLU A 21 18.99 -1.87 -15.08
CA GLU A 21 18.42 -0.55 -15.08
C GLU A 21 17.57 -0.31 -13.82
N SER A 22 17.52 0.91 -13.36
CA SER A 22 16.61 1.23 -12.27
C SER A 22 15.17 1.00 -12.72
N LEU A 23 14.36 0.43 -11.83
CA LEU A 23 12.97 0.16 -12.14
C LEU A 23 12.01 1.01 -11.31
N GLY A 24 12.23 1.09 -10.00
CA GLY A 24 11.39 1.91 -9.16
C GLY A 24 11.89 1.87 -7.74
N GLU A 25 11.30 2.72 -6.91
CA GLU A 25 11.70 2.83 -5.52
CA GLU A 25 11.66 2.76 -5.51
C GLU A 25 10.52 3.37 -4.72
N GLY A 26 10.39 2.90 -3.49
CA GLY A 26 9.44 3.47 -2.55
C GLY A 26 10.12 3.78 -1.23
N PHE A 27 9.38 3.90 -0.16
CA PHE A 27 9.94 4.23 1.12
C PHE A 27 10.78 3.11 1.70
N ARG A 28 10.55 1.88 1.30
CA ARG A 28 11.22 0.75 1.90
C ARG A 28 12.10 -0.13 1.03
N ASN A 29 12.00 0.01 -0.27
CA ASN A 29 12.75 -0.82 -1.20
C ASN A 29 13.20 -0.11 -2.45
N TYR A 30 14.34 -0.55 -2.95
CA TYR A 30 14.87 -0.11 -4.24
C TYR A 30 14.83 -1.30 -5.19
N ALA A 31 14.21 -1.12 -6.35
CA ALA A 31 14.02 -2.20 -7.31
C ALA A 31 14.78 -1.89 -8.59
N ILE A 32 15.52 -2.89 -9.09
CA ILE A 32 16.22 -2.79 -10.37
C ILE A 32 15.73 -3.92 -11.27
N LEU A 33 15.94 -3.74 -12.57
CA LEU A 33 15.53 -4.72 -13.55
C LEU A 33 16.78 -5.28 -14.23
N VAL A 34 16.94 -6.59 -14.17
CA VAL A 34 18.11 -7.27 -14.71
C VAL A 34 17.68 -8.04 -15.95
N ASN A 35 18.39 -7.83 -17.06
CA ASN A 35 18.13 -8.51 -18.33
C ASN A 35 16.72 -8.28 -18.84
N GLY A 36 16.08 -7.18 -18.44
CA GLY A 36 14.71 -6.92 -18.82
C GLY A 36 13.68 -7.85 -18.22
N ASP A 37 14.11 -8.82 -17.41
CA ASP A 37 13.25 -9.92 -17.00
C ASP A 37 13.12 -10.09 -15.49
N TRP A 38 14.15 -9.74 -14.71
CA TRP A 38 14.21 -10.09 -13.30
C TRP A 38 14.22 -8.81 -12.47
N VAL A 39 13.31 -8.72 -11.53
CA VAL A 39 13.31 -7.62 -10.61
C VAL A 39 14.10 -8.03 -9.37
N PHE A 40 15.14 -7.30 -9.04
CA PHE A 40 15.84 -7.48 -7.78
C PHE A 40 15.49 -6.32 -6.86
N ARG A 41 15.04 -6.65 -5.65
CA ARG A 41 14.39 -5.69 -4.77
C ARG A 41 15.14 -5.68 -3.45
N PHE A 42 15.69 -4.52 -3.09
CA PHE A 42 16.63 -4.38 -1.99
C PHE A 42 16.03 -3.49 -0.91
N PRO A 43 15.82 -3.99 0.30
CA PRO A 43 15.32 -3.13 1.39
C PRO A 43 16.22 -1.93 1.66
N LYS A 44 15.59 -0.85 2.08
CA LYS A 44 16.28 0.39 2.39
CA LYS A 44 16.26 0.41 2.38
C LYS A 44 16.54 0.59 3.87
N SER A 45 16.09 -0.31 4.72
CA SER A 45 16.22 -0.16 6.17
C SER A 45 15.93 -1.49 6.82
N GLN A 46 16.16 -1.55 8.14
CA GLN A 46 15.79 -2.74 8.90
CA GLN A 46 15.79 -2.74 8.90
C GLN A 46 14.29 -2.96 8.87
N GLN A 47 13.50 -1.88 8.89
CA GLN A 47 12.05 -2.03 8.75
CA GLN A 47 12.06 -2.04 8.76
C GLN A 47 11.70 -2.65 7.41
N GLY A 48 12.39 -2.23 6.34
CA GLY A 48 12.22 -2.88 5.06
C GLY A 48 12.63 -4.35 5.09
N ALA A 49 13.69 -4.67 5.84
CA ALA A 49 14.08 -6.06 5.98
C ALA A 49 13.01 -6.89 6.68
N ASP A 50 12.42 -6.34 7.76
CA ASP A 50 11.33 -7.04 8.44
C ASP A 50 10.16 -7.27 7.50
N GLU A 51 9.80 -6.26 6.72
CA GLU A 51 8.66 -6.40 5.81
C GLU A 51 8.96 -7.41 4.72
N LEU A 52 10.21 -7.45 4.24
CA LEU A 52 10.56 -8.43 3.21
C LEU A 52 10.53 -9.85 3.78
N ASN A 53 11.01 -10.03 5.01
CA ASN A 53 10.93 -11.35 5.62
C ASN A 53 9.49 -11.83 5.73
N LYS A 54 8.56 -10.90 6.03
CA LYS A 54 7.15 -11.22 6.02
C LYS A 54 6.69 -11.63 4.62
N GLU A 55 7.04 -10.84 3.60
CA GLU A 55 6.61 -11.17 2.24
C GLU A 55 7.19 -12.51 1.78
N ILE A 56 8.43 -12.83 2.17
CA ILE A 56 9.02 -14.10 1.78
C ILE A 56 8.16 -15.27 2.25
N GLN A 57 7.58 -15.17 3.46
CA GLN A 57 6.74 -16.24 3.99
C GLN A 57 5.32 -16.16 3.47
N LEU A 58 4.79 -14.94 3.33
CA LEU A 58 3.37 -14.79 3.01
C LEU A 58 3.07 -15.06 1.54
N LEU A 59 3.86 -14.48 0.65
CA LEU A 59 3.47 -14.50 -0.77
C LEU A 59 3.31 -15.90 -1.32
N PRO A 60 4.17 -16.88 -1.00
CA PRO A 60 3.95 -18.23 -1.54
C PRO A 60 2.63 -18.82 -1.12
N LEU A 61 2.12 -18.44 0.06
CA LEU A 61 0.83 -18.95 0.51
C LEU A 61 -0.33 -18.26 -0.18
N LEU A 62 -0.12 -17.04 -0.67
CA LEU A 62 -1.17 -16.26 -1.32
CA LEU A 62 -1.18 -16.27 -1.31
C LEU A 62 -1.33 -16.56 -2.80
N VAL A 63 -0.26 -17.04 -3.47
CA VAL A 63 -0.31 -17.14 -4.92
CA VAL A 63 -0.28 -17.18 -4.93
C VAL A 63 -1.50 -17.95 -5.39
N GLY A 64 -1.78 -19.07 -4.73
CA GLY A 64 -2.88 -19.92 -5.13
C GLY A 64 -4.26 -19.46 -4.72
N CYS A 65 -4.34 -18.33 -4.01
CA CYS A 65 -5.59 -17.82 -3.48
C CYS A 65 -6.09 -16.57 -4.20
N VAL A 66 -5.27 -15.97 -5.05
CA VAL A 66 -5.65 -14.74 -5.75
C VAL A 66 -5.62 -15.01 -7.25
N LYS A 67 -6.39 -14.21 -7.98
CA LYS A 67 -6.53 -14.33 -9.43
C LYS A 67 -5.78 -13.23 -10.18
N VAL A 68 -4.83 -12.60 -9.54
CA VAL A 68 -3.88 -11.74 -10.19
C VAL A 68 -2.50 -12.32 -9.91
N ASN A 69 -1.54 -11.91 -10.72
CA ASN A 69 -0.16 -12.27 -10.48
C ASN A 69 0.42 -11.43 -9.36
N ILE A 70 1.21 -12.06 -8.50
CA ILE A 70 1.92 -11.37 -7.43
C ILE A 70 3.38 -11.80 -7.49
N PRO A 71 4.29 -11.07 -6.84
CA PRO A 71 5.71 -11.46 -6.93
C PRO A 71 5.95 -12.86 -6.39
N GLN A 72 6.80 -13.60 -7.11
CA GLN A 72 7.21 -14.93 -6.68
C GLN A 72 8.72 -14.94 -6.57
N TYR A 73 9.22 -14.92 -5.35
CA TYR A 73 10.65 -14.77 -5.14
C TYR A 73 11.36 -16.07 -5.47
N VAL A 74 12.10 -16.07 -6.57
CA VAL A 74 12.89 -17.23 -6.98
C VAL A 74 14.27 -17.17 -6.37
N TYR A 75 14.81 -15.97 -6.22
CA TYR A 75 16.16 -15.76 -5.70
C TYR A 75 16.04 -15.09 -4.34
N ILE A 76 16.64 -15.69 -3.32
CA ILE A 76 16.60 -15.15 -1.98
C ILE A 76 18.05 -14.95 -1.54
N GLY A 77 18.46 -13.68 -1.47
CA GLY A 77 19.82 -13.33 -1.15
C GLY A 77 19.95 -12.68 0.23
N LYS A 78 21.18 -12.37 0.56
CA LYS A 78 21.54 -11.79 1.83
C LYS A 78 22.62 -10.75 1.67
N ARG A 79 22.48 -9.60 2.30
CA ARG A 79 23.53 -8.59 2.29
C ARG A 79 24.49 -8.89 3.44
N SER A 80 23.96 -9.37 4.52
CA SER A 80 24.66 -9.68 5.74
C SER A 80 23.60 -10.22 6.67
N ASP A 81 23.96 -10.69 7.84
CA ASP A 81 22.95 -11.31 8.70
C ASP A 81 21.81 -10.34 8.95
N GLY A 82 20.58 -10.82 8.76
CA GLY A 82 19.39 -10.04 9.01
C GLY A 82 19.05 -9.01 7.95
N ASN A 83 19.67 -9.10 6.76
CA ASN A 83 19.47 -8.12 5.70
C ASN A 83 19.23 -8.87 4.39
N PRO A 84 17.99 -9.29 4.14
CA PRO A 84 17.69 -10.07 2.93
C PRO A 84 17.45 -9.19 1.72
N PHE A 85 17.52 -9.81 0.54
CA PHE A 85 17.02 -9.20 -0.69
C PHE A 85 16.49 -10.32 -1.59
N VAL A 86 15.66 -9.95 -2.57
CA VAL A 86 15.07 -10.96 -3.42
C VAL A 86 15.05 -10.64 -4.88
N GLY A 87 14.86 -11.66 -5.70
CA GLY A 87 14.67 -11.50 -7.11
C GLY A 87 13.45 -12.27 -7.57
N TYR A 88 12.65 -11.66 -8.43
CA TYR A 88 11.47 -12.28 -8.98
C TYR A 88 11.26 -11.89 -10.43
N ARG A 89 10.64 -12.75 -11.20
CA ARG A 89 10.34 -12.44 -12.59
C ARG A 89 9.43 -11.22 -12.55
N LYS A 90 9.70 -10.25 -13.38
CA LYS A 90 8.90 -9.03 -13.42
C LYS A 90 7.42 -9.37 -13.54
N VAL A 91 6.62 -8.74 -12.68
CA VAL A 91 5.18 -8.88 -12.82
C VAL A 91 4.79 -8.05 -14.04
N GLN A 92 4.23 -8.69 -15.04
CA GLN A 92 4.15 -8.03 -16.33
C GLN A 92 2.99 -7.06 -16.37
N GLY A 93 3.11 -6.12 -17.29
CA GLY A 93 2.06 -5.15 -17.51
C GLY A 93 2.56 -3.73 -17.33
N GLN A 94 1.64 -2.80 -17.50
CA GLN A 94 1.90 -1.39 -17.32
C GLN A 94 1.38 -1.03 -15.93
N ILE A 95 2.25 -0.42 -15.11
CA ILE A 95 1.77 0.15 -13.86
C ILE A 95 0.74 1.21 -14.17
N LEU A 96 -0.42 1.13 -13.54
CA LEU A 96 -1.48 2.09 -13.81
C LEU A 96 -1.13 3.49 -13.30
N GLY A 97 -0.72 3.60 -12.02
CA GLY A 97 -0.39 4.87 -11.42
C GLY A 97 -1.59 5.72 -11.08
N GLU A 98 -1.38 6.77 -10.30
CA GLU A 98 -2.48 7.76 -10.11
CA GLU A 98 -2.45 7.75 -10.16
C GLU A 98 -3.09 8.48 -11.40
N ASP A 99 -2.13 8.80 -12.22
CA ASP A 99 -2.62 9.46 -13.42
C ASP A 99 -3.24 8.48 -14.41
N GLY A 100 -3.22 7.19 -14.09
CA GLY A 100 -3.77 6.18 -14.97
C GLY A 100 -5.27 6.07 -14.93
N MET A 101 -5.85 5.91 -13.73
CA MET A 101 -7.28 5.69 -13.64
C MET A 101 -8.07 6.89 -14.15
N ALA A 102 -7.51 8.09 -14.02
CA ALA A 102 -8.23 9.29 -14.39
C ALA A 102 -8.58 9.32 -15.88
N VAL A 103 -7.76 8.68 -16.71
CA VAL A 103 -8.01 8.73 -18.16
C VAL A 103 -8.81 7.55 -18.68
N LEU A 104 -9.08 6.54 -17.85
CA LEU A 104 -9.63 5.30 -18.39
C LEU A 104 -11.11 5.42 -18.72
N PRO A 105 -11.55 4.75 -19.80
CA PRO A 105 -12.98 4.74 -20.13
C PRO A 105 -13.79 3.91 -19.15
N ASP A 106 -15.12 3.99 -19.33
CA ASP A 106 -16.06 3.42 -18.36
C ASP A 106 -15.99 1.91 -18.32
N ASP A 107 -15.92 1.24 -19.47
CA ASP A 107 -15.90 -0.22 -19.46
C ASP A 107 -14.65 -0.74 -18.77
N ALA A 108 -13.50 -0.11 -19.01
CA ALA A 108 -12.26 -0.53 -18.37
C ALA A 108 -12.31 -0.30 -16.87
N LYS A 109 -12.82 0.86 -16.45
CA LYS A 109 -12.93 1.11 -15.01
C LYS A 109 -13.87 0.12 -14.36
N ASP A 110 -14.97 -0.23 -15.02
CA ASP A 110 -15.90 -1.20 -14.47
C ASP A 110 -15.22 -2.54 -14.27
N ARG A 111 -14.47 -3.02 -15.26
CA ARG A 111 -13.79 -4.30 -15.14
C ARG A 111 -12.70 -4.25 -14.07
N LEU A 112 -11.96 -3.15 -14.01
CA LEU A 112 -10.94 -3.01 -12.96
C LEU A 112 -11.58 -3.01 -11.58
N ALA A 113 -12.71 -2.32 -11.43
CA ALA A 113 -13.40 -2.29 -10.13
C ALA A 113 -13.84 -3.70 -9.72
N LEU A 114 -14.34 -4.48 -10.67
CA LEU A 114 -14.77 -5.84 -10.37
C LEU A 114 -13.57 -6.68 -9.94
N GLN A 115 -12.46 -6.57 -10.65
CA GLN A 115 -11.28 -7.38 -10.31
C GLN A 115 -10.69 -6.97 -8.97
N LEU A 116 -10.67 -5.66 -8.66
CA LEU A 116 -10.17 -5.23 -7.36
C LEU A 116 -11.09 -5.69 -6.24
N ALA A 117 -12.41 -5.63 -6.46
CA ALA A 117 -13.33 -6.16 -5.46
C ALA A 117 -13.06 -7.64 -5.19
N GLU A 118 -12.83 -8.40 -6.25
CA GLU A 118 -12.55 -9.82 -6.10
C GLU A 118 -11.24 -10.05 -5.35
N PHE A 119 -10.21 -9.28 -5.67
CA PHE A 119 -8.93 -9.39 -4.97
C PHE A 119 -9.09 -9.10 -3.48
N MET A 120 -9.81 -8.03 -3.14
CA MET A 120 -10.03 -7.69 -1.75
C MET A 120 -10.83 -8.77 -1.04
N ASN A 121 -11.83 -9.26 -1.73
CA ASN A 121 -12.53 -10.42 -1.23
CA ASN A 121 -12.58 -10.45 -1.17
C ASN A 121 -11.69 -11.75 -0.86
N GLU A 122 -10.74 -11.94 -1.80
CA GLU A 122 -9.84 -13.06 -1.60
C GLU A 122 -8.94 -12.82 -0.39
N LEU A 123 -8.42 -11.60 -0.22
CA LEU A 123 -7.64 -11.31 0.98
C LEU A 123 -8.48 -11.49 2.23
N SER A 124 -9.73 -11.03 2.19
CA SER A 124 -10.61 -11.15 3.35
C SER A 124 -11.01 -12.58 3.65
N ALA A 125 -10.86 -13.50 2.69
CA ALA A 125 -11.12 -14.90 2.92
C ALA A 125 -9.89 -15.68 3.35
N PHE A 126 -8.70 -15.08 3.29
CA PHE A 126 -7.49 -15.81 3.62
C PHE A 126 -7.42 -16.07 5.12
N PRO A 127 -7.04 -17.28 5.55
CA PRO A 127 -7.05 -17.59 6.99
C PRO A 127 -6.09 -16.69 7.77
N VAL A 128 -6.65 -15.95 8.72
CA VAL A 128 -5.85 -14.98 9.48
CA VAL A 128 -5.80 -14.99 9.41
C VAL A 128 -4.72 -15.68 10.23
N GLU A 129 -5.00 -16.86 10.80
CA GLU A 129 -3.98 -17.58 11.55
C GLU A 129 -2.81 -18.01 10.68
N THR A 130 -3.07 -18.36 9.42
CA THR A 130 -1.98 -18.69 8.51
C THR A 130 -1.13 -17.47 8.23
N ALA A 131 -1.77 -16.32 8.00
CA ALA A 131 -1.01 -15.09 7.79
C ALA A 131 -0.16 -14.74 9.02
N ILE A 132 -0.74 -14.84 10.23
CA ILE A 132 0.03 -14.53 11.43
C ILE A 132 1.25 -15.44 11.54
N SER A 133 1.07 -16.74 11.23
CA SER A 133 2.17 -17.68 11.29
C SER A 133 3.28 -17.33 10.29
N ALA A 134 2.95 -16.59 9.24
CA ALA A 134 3.91 -16.13 8.24
C ALA A 134 4.52 -14.78 8.58
N GLY A 135 4.34 -14.29 9.80
CA GLY A 135 4.92 -13.04 10.22
C GLY A 135 4.09 -11.80 9.93
N VAL A 136 2.83 -11.96 9.53
CA VAL A 136 1.97 -10.80 9.31
C VAL A 136 1.56 -10.25 10.67
N PRO A 137 1.82 -8.98 10.98
CA PRO A 137 1.47 -8.45 12.30
C PRO A 137 -0.02 -8.20 12.41
N VAL A 138 -0.51 -8.27 13.65
CA VAL A 138 -1.88 -7.88 13.96
C VAL A 138 -1.83 -6.43 14.41
N THR A 139 -2.42 -5.54 13.61
CA THR A 139 -2.38 -4.11 13.85
C THR A 139 -3.76 -3.69 14.29
N ASN A 140 -3.91 -3.39 15.58
CA ASN A 140 -5.13 -2.77 16.08
C ASN A 140 -5.18 -1.33 15.55
N LEU A 141 -6.09 -1.08 14.60
CA LEU A 141 -6.08 0.20 13.91
C LEU A 141 -6.50 1.35 14.83
N LYS A 142 -7.41 1.10 15.76
CA LYS A 142 -7.80 2.15 16.70
C LYS A 142 -6.61 2.62 17.51
N ASN A 143 -5.80 1.69 18.00
CA ASN A 143 -4.62 2.07 18.79
C ASN A 143 -3.56 2.77 17.94
N LYS A 144 -3.41 2.36 16.68
CA LYS A 144 -2.46 3.03 15.79
C LYS A 144 -2.85 4.49 15.57
N ILE A 145 -4.14 4.76 15.40
CA ILE A 145 -4.60 6.12 15.19
C ILE A 145 -4.49 6.94 16.47
N LEU A 146 -4.69 6.30 17.62
CA LEU A 146 -4.46 6.99 18.90
C LEU A 146 -3.02 7.45 19.01
N LEU A 147 -2.07 6.57 18.71
CA LEU A 147 -0.65 6.94 18.74
C LEU A 147 -0.36 8.05 17.74
N LEU A 148 -0.99 7.98 16.56
CA LEU A 148 -0.81 9.04 15.57
C LEU A 148 -1.29 10.38 16.11
N SER A 149 -2.45 10.41 16.75
CA SER A 149 -2.98 11.68 17.25
C SER A 149 -2.05 12.31 18.28
N GLU A 150 -1.34 11.50 19.06
CA GLU A 150 -0.37 12.04 19.99
C GLU A 150 0.84 12.63 19.26
N ALA A 151 1.31 12.00 18.21
CA ALA A 151 2.41 12.49 17.45
C ALA A 151 2.08 13.78 16.75
N VAL A 152 0.86 13.93 16.31
CA VAL A 152 0.44 15.10 15.60
C VAL A 152 0.42 16.30 16.54
N GLU A 153 -0.01 16.06 17.76
CA GLU A 153 -0.09 17.10 18.74
C GLU A 153 1.26 17.70 19.02
N ASP A 154 2.22 16.83 19.12
CA ASP A 154 3.59 17.15 19.39
C ASP A 154 4.42 17.73 18.25
N GLN A 155 4.31 17.11 17.09
CA GLN A 155 5.19 17.46 15.98
C GLN A 155 4.51 18.28 14.90
N VAL A 156 3.19 18.20 14.76
CA VAL A 156 2.48 18.79 13.64
C VAL A 156 1.71 20.04 14.05
N PHE A 157 0.99 19.96 15.17
CA PHE A 157 0.20 21.12 15.60
C PHE A 157 0.95 22.46 15.62
N PRO A 158 2.19 22.50 16.13
CA PRO A 158 2.90 23.80 16.13
C PRO A 158 3.00 24.44 14.76
N LEU A 159 2.99 23.64 13.70
CA LEU A 159 3.15 24.18 12.35
C LEU A 159 1.85 24.71 11.76
N LEU A 160 0.73 24.47 12.41
CA LEU A 160 -0.55 24.81 11.84
C LEU A 160 -1.24 26.07 12.34
N ASP A 161 -2.01 26.64 11.44
CA ASP A 161 -3.02 27.58 11.88
CA ASP A 161 -3.00 27.59 11.90
C ASP A 161 -3.95 26.86 12.85
N GLU A 162 -4.35 27.56 13.91
CA GLU A 162 -5.23 26.91 14.90
C GLU A 162 -6.52 26.39 14.27
N SER A 163 -6.98 27.01 13.19
CA SER A 163 -8.19 26.51 12.53
C SER A 163 -7.96 25.15 11.89
N LEU A 164 -6.78 24.89 11.35
CA LEU A 164 -6.45 23.59 10.75
C LEU A 164 -6.24 22.62 11.86
N ARG A 165 -5.66 23.03 12.99
CA ARG A 165 -5.57 22.16 14.17
C ARG A 165 -6.96 21.74 14.64
N ASP A 166 -7.90 22.70 14.69
CA ASP A 166 -9.27 22.38 15.09
C ASP A 166 -9.88 21.34 14.16
N TYR A 167 -9.64 21.48 12.85
CA TYR A 167 -10.12 20.49 11.88
C TYR A 167 -9.54 19.12 12.16
N LEU A 168 -8.22 19.03 12.36
CA LEU A 168 -7.62 17.73 12.61
C LEU A 168 -8.13 17.09 13.89
N THR A 169 -8.27 17.89 14.96
CA THR A 169 -8.82 17.33 16.20
CA THR A 169 -8.82 17.32 16.19
C THR A 169 -10.23 16.79 15.98
N LEU A 170 -11.04 17.51 15.21
CA LEU A 170 -12.39 17.05 14.87
C LEU A 170 -12.34 15.71 14.15
N ARG A 171 -11.43 15.58 13.18
CA ARG A 171 -11.34 14.35 12.41
C ARG A 171 -10.90 13.18 13.28
N PHE A 172 -9.89 13.39 14.12
CA PHE A 172 -9.46 12.35 15.04
C PHE A 172 -10.59 11.96 16.00
N GLN A 173 -11.27 12.96 16.56
CA GLN A 173 -12.35 12.64 17.49
CA GLN A 173 -12.38 12.69 17.48
C GLN A 173 -13.53 11.97 16.79
N SER A 174 -13.84 12.38 15.56
CA SER A 174 -14.94 11.73 14.84
C SER A 174 -14.66 10.25 14.61
N TYR A 175 -13.41 9.89 14.34
CA TYR A 175 -13.07 8.48 14.24
C TYR A 175 -13.12 7.82 15.62
N MET A 176 -12.40 8.39 16.59
CA MET A 176 -12.15 7.68 17.84
C MET A 176 -13.41 7.47 18.66
N THR A 177 -14.38 8.37 18.58
CA THR A 177 -15.56 8.30 19.45
C THR A 177 -16.75 7.56 18.84
N HIS A 178 -16.60 6.98 17.66
CA HIS A 178 -17.72 6.29 17.00
C HIS A 178 -17.42 4.81 16.82
N PRO A 179 -18.03 3.93 17.61
CA PRO A 179 -17.83 2.48 17.41
C PRO A 179 -18.17 2.02 16.00
N VAL A 180 -19.05 2.73 15.30
CA VAL A 180 -19.35 2.37 13.91
CA VAL A 180 -19.35 2.39 13.91
C VAL A 180 -18.08 2.39 13.07
N TYR A 181 -17.08 3.18 13.45
CA TYR A 181 -15.80 3.23 12.75
C TYR A 181 -14.73 2.37 13.41
N THR A 182 -14.69 2.33 14.75
CA THR A 182 -13.55 1.73 15.43
C THR A 182 -13.65 0.23 15.63
N ARG A 183 -14.86 -0.33 15.59
CA ARG A 183 -15.03 -1.77 15.76
C ARG A 183 -15.06 -2.45 14.39
N TYR A 184 -14.30 -3.53 14.26
CA TYR A 184 -14.25 -4.25 12.99
C TYR A 184 -13.85 -5.69 13.26
N THR A 185 -14.11 -6.55 12.28
CA THR A 185 -13.55 -7.90 12.29
C THR A 185 -12.24 -7.88 11.52
N PRO A 186 -11.10 -8.21 12.14
CA PRO A 186 -9.83 -8.11 11.44
C PRO A 186 -9.72 -9.13 10.30
N ARG A 187 -8.98 -8.73 9.27
CA ARG A 187 -8.74 -9.57 8.11
C ARG A 187 -7.33 -9.31 7.62
N LEU A 188 -6.79 -10.23 6.82
CA LEU A 188 -5.59 -9.91 6.05
C LEU A 188 -5.89 -8.77 5.09
N ILE A 189 -5.07 -7.70 5.13
CA ILE A 189 -5.15 -6.61 4.16
C ILE A 189 -3.82 -6.47 3.45
N HIS A 190 -3.88 -5.91 2.23
CA HIS A 190 -2.65 -5.59 1.50
C HIS A 190 -1.89 -4.47 2.22
N GLY A 191 -2.62 -3.45 2.69
CA GLY A 191 -2.05 -2.41 3.50
C GLY A 191 -1.46 -1.22 2.77
N ASP A 192 -1.27 -1.30 1.46
CA ASP A 192 -0.73 -0.18 0.71
C ASP A 192 -1.29 -0.26 -0.71
N LEU A 193 -2.62 -0.34 -0.82
CA LEU A 193 -3.27 -0.76 -2.06
C LEU A 193 -3.57 0.46 -2.95
N SER A 194 -2.50 1.01 -3.49
CA SER A 194 -2.54 2.20 -4.34
C SER A 194 -2.21 1.82 -5.78
N PRO A 195 -2.63 2.65 -6.75
CA PRO A 195 -2.53 2.25 -8.16
C PRO A 195 -1.12 2.24 -8.71
N ASP A 196 -0.14 2.77 -7.98
CA ASP A 196 1.27 2.55 -8.33
C ASP A 196 1.69 1.10 -8.14
N HIS A 197 0.81 0.26 -7.61
CA HIS A 197 1.04 -1.16 -7.41
C HIS A 197 0.14 -2.02 -8.29
N PHE A 198 -0.67 -1.43 -9.16
CA PHE A 198 -1.58 -2.17 -10.02
C PHE A 198 -0.91 -2.35 -11.38
N LEU A 199 -0.71 -3.59 -11.78
CA LEU A 199 -0.19 -3.89 -13.11
C LEU A 199 -1.35 -4.26 -14.01
N THR A 200 -1.37 -3.69 -15.22
CA THR A 200 -2.50 -3.85 -16.11
C THR A 200 -2.06 -4.30 -17.50
N ASN A 201 -3.00 -4.94 -18.18
CA ASN A 201 -2.92 -5.13 -19.63
C ASN A 201 -4.24 -4.62 -20.18
N LEU A 202 -4.27 -3.33 -20.52
CA LEU A 202 -5.49 -2.72 -21.03
C LEU A 202 -5.86 -3.24 -22.42
N ASN A 203 -5.01 -4.02 -23.07
CA ASN A 203 -5.41 -4.72 -24.28
C ASN A 203 -6.45 -5.78 -24.01
N SER A 204 -6.50 -6.32 -22.79
CA SER A 204 -7.53 -7.28 -22.41
CA SER A 204 -7.52 -7.28 -22.39
C SER A 204 -8.74 -6.51 -21.91
N ARG A 205 -9.82 -6.51 -22.70
CA ARG A 205 -11.01 -5.76 -22.36
C ARG A 205 -11.63 -6.25 -21.06
N GLN A 206 -11.80 -7.55 -20.93
CA GLN A 206 -12.57 -8.06 -19.81
C GLN A 206 -11.75 -8.31 -18.55
N THR A 207 -10.43 -8.43 -18.67
CA THR A 207 -9.57 -8.74 -17.53
C THR A 207 -8.33 -7.85 -17.56
N PRO A 208 -8.51 -6.54 -17.42
CA PRO A 208 -7.36 -5.62 -17.53
C PRO A 208 -6.38 -5.65 -16.35
N LEU A 209 -6.80 -6.04 -15.15
CA LEU A 209 -5.86 -6.10 -14.04
C LEU A 209 -5.10 -7.43 -14.12
N THR A 210 -3.77 -7.37 -14.17
CA THR A 210 -2.98 -8.57 -14.28
C THR A 210 -2.12 -8.84 -13.06
N GLY A 211 -1.80 -7.83 -12.26
CA GLY A 211 -0.88 -8.06 -11.15
C GLY A 211 -1.01 -7.02 -10.07
N ILE A 212 -0.57 -7.40 -8.88
CA ILE A 212 -0.46 -6.53 -7.72
CA ILE A 212 -0.44 -6.49 -7.75
C ILE A 212 0.90 -6.76 -7.08
N ILE A 213 1.63 -5.68 -6.80
CA ILE A 213 2.94 -5.78 -6.17
C ILE A 213 2.96 -5.15 -4.77
N ASP A 214 4.10 -5.24 -4.10
CA ASP A 214 4.42 -4.57 -2.84
C ASP A 214 3.47 -4.89 -1.69
N PHE A 215 3.63 -6.08 -1.11
CA PHE A 215 2.84 -6.51 0.04
C PHE A 215 3.53 -6.21 1.37
N GLY A 216 4.48 -5.27 1.38
CA GLY A 216 5.25 -5.00 2.58
C GLY A 216 4.44 -4.47 3.75
N ASP A 217 3.29 -3.86 3.49
CA ASP A 217 2.41 -3.37 4.55
C ASP A 217 1.33 -4.37 4.93
N ALA A 218 1.42 -5.62 4.47
CA ALA A 218 0.40 -6.59 4.80
C ALA A 218 0.24 -6.72 6.31
N ALA A 219 -1.02 -6.78 6.74
CA ALA A 219 -1.32 -6.75 8.17
C ALA A 219 -2.65 -7.46 8.40
N ILE A 220 -2.86 -7.90 9.63
CA ILE A 220 -4.19 -8.31 10.07
C ILE A 220 -4.82 -7.06 10.68
N SER A 221 -5.77 -6.47 9.98
CA SER A 221 -6.27 -5.16 10.40
C SER A 221 -7.67 -4.95 9.83
N ASP A 222 -8.09 -3.70 9.79
CA ASP A 222 -9.44 -3.38 9.35
C ASP A 222 -9.50 -3.48 7.82
N PRO A 223 -10.33 -4.38 7.26
CA PRO A 223 -10.39 -4.48 5.80
C PRO A 223 -10.77 -3.18 5.11
N ASP A 224 -11.49 -2.29 5.79
CA ASP A 224 -11.83 -1.01 5.17
C ASP A 224 -10.60 -0.16 4.89
N TYR A 225 -9.47 -0.43 5.56
CA TYR A 225 -8.26 0.34 5.27
C TYR A 225 -7.80 0.16 3.83
N ASP A 226 -8.11 -0.98 3.21
CA ASP A 226 -7.65 -1.19 1.83
C ASP A 226 -8.41 -0.33 0.83
N TYR A 227 -9.38 0.49 1.28
CA TYR A 227 -9.97 1.48 0.39
C TYR A 227 -9.23 2.83 0.40
N VAL A 228 -8.26 3.04 1.30
CA VAL A 228 -7.75 4.40 1.53
C VAL A 228 -7.16 5.02 0.27
N TYR A 229 -6.33 4.27 -0.47
CA TYR A 229 -5.70 4.82 -1.67
C TYR A 229 -6.57 4.68 -2.90
N LEU A 230 -7.54 3.78 -2.89
CA LEU A 230 -8.59 3.85 -3.91
C LEU A 230 -9.29 5.20 -3.83
N LEU A 231 -9.64 5.63 -2.62
CA LEU A 231 -10.31 6.92 -2.49
C LEU A 231 -9.37 8.07 -2.82
N GLU A 232 -8.16 8.05 -2.27
CA GLU A 232 -7.24 9.16 -2.44
C GLU A 232 -6.77 9.28 -3.88
N ASP A 233 -6.46 8.14 -4.53
CA ASP A 233 -5.78 8.14 -5.81
C ASP A 233 -6.64 7.73 -6.99
N CYS A 234 -7.72 6.99 -6.77
CA CYS A 234 -8.62 6.64 -7.85
C CYS A 234 -9.92 7.41 -7.84
N GLY A 235 -10.27 8.04 -6.73
CA GLY A 235 -11.45 8.88 -6.67
C GLY A 235 -12.66 8.17 -6.06
N GLU A 236 -13.62 8.98 -5.61
CA GLU A 236 -14.77 8.46 -4.90
C GLU A 236 -15.68 7.61 -5.80
N LEU A 237 -15.87 8.04 -7.05
CA LEU A 237 -16.76 7.28 -7.93
C LEU A 237 -16.25 5.87 -8.15
N PHE A 238 -14.97 5.73 -8.46
CA PHE A 238 -14.39 4.40 -8.64
C PHE A 238 -14.44 3.60 -7.36
N THR A 239 -14.11 4.24 -6.23
CA THR A 239 -14.13 3.54 -4.95
C THR A 239 -15.52 3.00 -4.65
N ARG A 240 -16.55 3.79 -4.92
CA ARG A 240 -17.92 3.33 -4.69
C ARG A 240 -18.28 2.15 -5.58
N GLN A 241 -17.72 2.10 -6.80
CA GLN A 241 -17.93 0.94 -7.68
C GLN A 241 -17.33 -0.31 -7.09
N VAL A 242 -16.11 -0.22 -6.56
CA VAL A 242 -15.50 -1.37 -5.89
C VAL A 242 -16.34 -1.81 -4.70
N MET A 243 -16.77 -0.85 -3.88
CA MET A 243 -17.60 -1.15 -2.72
C MET A 243 -18.88 -1.86 -3.12
N ALA A 244 -19.51 -1.42 -4.22
CA ALA A 244 -20.74 -2.05 -4.64
C ALA A 244 -20.50 -3.50 -5.04
N TYR A 245 -19.45 -3.75 -5.84
CA TYR A 245 -19.18 -5.12 -6.25
C TYR A 245 -18.85 -6.00 -5.05
N ARG A 246 -18.28 -5.42 -4.00
CA ARG A 246 -18.01 -6.18 -2.79
CA ARG A 246 -17.99 -6.11 -2.76
C ARG A 246 -19.24 -6.35 -1.91
N GLY A 247 -20.35 -5.69 -2.23
CA GLY A 247 -21.55 -5.86 -1.42
C GLY A 247 -21.49 -5.11 -0.11
N GLU A 248 -20.70 -4.06 -0.03
CA GLU A 248 -20.71 -3.21 1.15
C GLU A 248 -22.11 -2.60 1.32
N VAL A 249 -22.44 -2.26 2.55
CA VAL A 249 -23.70 -1.59 2.84
C VAL A 249 -23.43 -0.18 3.35
N ASP A 250 -24.41 0.69 3.15
CA ASP A 250 -24.37 2.08 3.64
C ASP A 250 -23.06 2.77 3.23
N LEU A 251 -22.95 2.98 1.92
CA LEU A 251 -21.71 3.51 1.38
C LEU A 251 -21.43 4.93 1.84
N ASP A 252 -22.45 5.73 2.16
CA ASP A 252 -22.17 7.07 2.66
C ASP A 252 -21.39 7.01 3.97
N THR A 253 -21.78 6.11 4.88
CA THR A 253 -21.03 5.97 6.12
C THR A 253 -19.64 5.39 5.86
N LEU A 254 -19.56 4.37 4.99
CA LEU A 254 -18.26 3.77 4.72
C LEU A 254 -17.30 4.75 4.06
N ILE A 255 -17.81 5.57 3.13
CA ILE A 255 -16.96 6.57 2.49
C ILE A 255 -16.47 7.58 3.53
N ARG A 256 -17.35 7.98 4.45
CA ARG A 256 -16.91 8.87 5.53
C ARG A 256 -15.78 8.23 6.33
N LYS A 257 -15.95 6.96 6.71
CA LYS A 257 -14.89 6.26 7.44
C LYS A 257 -13.59 6.26 6.66
N VAL A 258 -13.64 5.90 5.37
CA VAL A 258 -12.42 5.87 4.59
C VAL A 258 -11.83 7.28 4.43
N SER A 259 -12.69 8.30 4.34
CA SER A 259 -12.18 9.65 4.22
C SER A 259 -11.44 10.07 5.48
N LEU A 260 -11.85 9.56 6.64
CA LEU A 260 -11.09 9.79 7.87
C LEU A 260 -9.70 9.16 7.77
N PHE A 261 -9.63 7.91 7.27
CA PHE A 261 -8.33 7.30 7.02
C PHE A 261 -7.50 8.16 6.06
N VAL A 262 -8.14 8.78 5.05
CA VAL A 262 -7.40 9.65 4.13
C VAL A 262 -6.81 10.83 4.87
N THR A 263 -7.59 11.46 5.75
CA THR A 263 -7.04 12.54 6.59
C THR A 263 -5.83 12.06 7.36
N PHE A 264 -5.94 10.90 8.00
CA PHE A 264 -4.83 10.41 8.80
C PHE A 264 -3.62 10.08 7.93
N ASP A 265 -3.86 9.62 6.69
CA ASP A 265 -2.76 9.41 5.76
C ASP A 265 -2.03 10.71 5.45
N GLN A 266 -2.76 11.81 5.29
CA GLN A 266 -2.12 13.09 5.03
C GLN A 266 -1.25 13.50 6.22
N VAL A 267 -1.70 13.27 7.44
CA VAL A 267 -0.92 13.55 8.63
C VAL A 267 0.33 12.69 8.61
N SER A 268 0.19 11.42 8.31
CA SER A 268 1.28 10.50 8.26
C SER A 268 2.33 10.92 7.24
N TYR A 269 1.88 11.40 6.10
CA TYR A 269 2.77 11.86 5.05
C TYR A 269 3.59 13.05 5.52
N LEU A 270 2.95 14.00 6.19
CA LEU A 270 3.69 15.13 6.76
C LEU A 270 4.69 14.67 7.81
N LEU A 271 4.29 13.71 8.67
CA LEU A 271 5.22 13.23 9.69
C LEU A 271 6.46 12.61 9.08
N GLU A 272 6.30 11.92 7.95
CA GLU A 272 7.46 11.36 7.26
C GLU A 272 8.39 12.47 6.76
N GLY A 273 7.81 13.57 6.26
CA GLY A 273 8.63 14.69 5.85
C GLY A 273 9.35 15.34 7.01
N LEU A 274 8.68 15.45 8.15
CA LEU A 274 9.32 15.99 9.34
C LEU A 274 10.45 15.09 9.81
N ARG A 275 10.24 13.78 9.78
CA ARG A 275 11.30 12.84 10.15
C ARG A 275 12.49 12.96 9.22
N ALA A 276 12.24 13.19 7.93
CA ALA A 276 13.30 13.33 6.94
C ALA A 276 13.92 14.72 6.92
N ARG A 277 13.37 15.68 7.66
CA ARG A 277 13.89 17.05 7.70
C ARG A 277 13.95 17.67 6.31
N ASP A 278 12.94 17.38 5.49
CA ASP A 278 12.84 17.84 4.12
C ASP A 278 11.86 19.01 4.10
N GLN A 279 12.37 20.22 3.86
CA GLN A 279 11.51 21.41 3.92
C GLN A 279 10.49 21.43 2.79
N ASP A 280 10.89 20.98 1.59
CA ASP A 280 9.94 20.89 0.48
C ASP A 280 8.82 19.91 0.80
N TRP A 281 9.17 18.74 1.35
CA TRP A 281 8.18 17.75 1.75
C TRP A 281 7.29 18.29 2.85
N ILE A 282 7.87 18.94 3.85
CA ILE A 282 7.09 19.53 4.93
C ILE A 282 6.08 20.54 4.37
N SER A 283 6.55 21.44 3.52
CA SER A 283 5.64 22.42 2.92
C SER A 283 4.56 21.75 2.09
N GLU A 284 4.93 20.73 1.31
CA GLU A 284 3.95 19.98 0.54
C GLU A 284 2.92 19.33 1.45
N GLY A 285 3.37 18.72 2.55
CA GLY A 285 2.44 18.03 3.43
C GLY A 285 1.49 18.99 4.13
N ILE A 286 1.98 20.16 4.53
CA ILE A 286 1.11 21.17 5.11
C ILE A 286 0.03 21.56 4.11
N GLU A 287 0.42 21.72 2.83
CA GLU A 287 -0.54 22.07 1.80
C GLU A 287 -1.57 20.97 1.58
N LEU A 288 -1.14 19.70 1.65
CA LEU A 288 -2.07 18.59 1.49
C LEU A 288 -3.09 18.56 2.62
N LEU A 289 -2.67 18.92 3.84
CA LEU A 289 -3.60 18.99 4.96
C LEU A 289 -4.63 20.07 4.74
N GLU A 290 -4.20 21.26 4.27
CA GLU A 290 -5.14 22.33 3.95
C GLU A 290 -6.12 21.89 2.87
N GLU A 291 -5.63 21.16 1.86
CA GLU A 291 -6.51 20.70 0.80
C GLU A 291 -7.49 19.65 1.30
N ASP A 292 -7.06 18.78 2.22
CA ASP A 292 -7.96 17.80 2.80
C ASP A 292 -9.15 18.48 3.48
N LYS A 293 -8.88 19.52 4.26
CA LYS A 293 -9.96 20.25 4.93
C LYS A 293 -10.86 20.93 3.90
N ALA A 294 -10.27 21.56 2.89
CA ALA A 294 -11.07 22.27 1.89
C ALA A 294 -11.93 21.30 1.09
N ASN A 295 -11.41 20.10 0.82
CA ASN A 295 -12.18 19.13 0.04
C ASN A 295 -13.35 18.56 0.81
N ASN A 296 -13.20 18.39 2.12
CA ASN A 296 -14.26 17.77 2.92
C ASN A 296 -15.33 18.74 3.38
N PHE A 297 -14.95 19.98 3.70
CA PHE A 297 -15.93 20.96 4.20
C PHE A 297 -15.93 22.24 3.39
#